data_9J74
#
_entry.id   9J74
#
loop_
_entity.id
_entity.type
_entity.pdbx_description
1 polymer 'Solute carrier family 22 member 12'
2 non-polymer lesinurad
#
_entity_poly.entity_id   1
_entity_poly.type   'polypeptide(L)'
_entity_poly.pdbx_seq_one_letter_code
;MAFPELLDRVGGRGRFQLLQAVALVTPILWVTTQSMLENFSAAVPHHRCWVPLLDNSTSQASIPGDFGRDVLLAVSIPPG
PDQRPHQCLRFRQPQWQLIESNTTATNWSDADTEPCEDGWVYDHSTFRSTIVTTWDLVCDSQALRPMAQSIFLAGILVGA
AVCGHASDRFGRRRVLTWSYLLVSVSGTIAALMPTFPLYCLFRFLVASAVAGVMMNTASLLMEWTSAQAGPLMMTLNALG
FSFGQVLTGSVAYGVRSWRMLQLAVSAPFFLFFVYSWWLPESARWLITVGRLDQSLRELQRVAAVNRRKAEADTLTVEVL
RSAMQEEPNGNQAGARLGTLLHTPGLRLRTFISMLCWFAFGFTFFGLALDLQALGSNIFLLQALIGIVDLPVKMGSLLLL
SRLGRRLCQASSLVLPGLCILANILVPREMGILRSSLAVLGLGSLGAAFTCVTIFSSELFPTVIRMTAVGLGQVAARGGA
MLGPLVRLLGVYGSWLPLLVYGVVPVLSGLAALLLPETKNLPLPDTIQDIQKQSVKKVTHDIAGGSVLKSARL
;
_entity_poly.pdbx_strand_id   A
#
loop_
_chem_comp.id
_chem_comp.type
_chem_comp.name
_chem_comp.formula
A1AIL non-polymer lesinurad 'C17 H14 Br N3 O2 S'
#
# COMPACT_ATOMS: atom_id res chain seq x y z
N ALA A 2 12.48 23.71 25.77
CA ALA A 2 12.28 25.10 25.39
C ALA A 2 11.89 25.23 23.92
N PHE A 3 11.94 24.11 23.21
CA PHE A 3 11.57 24.13 21.80
C PHE A 3 10.12 24.54 21.55
N PRO A 4 9.11 24.07 22.28
CA PRO A 4 7.75 24.57 22.04
C PRO A 4 7.62 26.08 22.20
N GLU A 5 8.32 26.65 23.18
CA GLU A 5 8.31 28.10 23.35
C GLU A 5 8.93 28.80 22.16
N LEU A 6 10.02 28.24 21.62
CA LEU A 6 10.62 28.79 20.41
C LEU A 6 9.68 28.71 19.23
N LEU A 7 8.96 27.59 19.10
CA LEU A 7 8.00 27.45 18.01
C LEU A 7 6.87 28.46 18.13
N ASP A 8 6.39 28.69 19.36
CA ASP A 8 5.39 29.74 19.57
C ASP A 8 5.96 31.11 19.22
N ARG A 9 7.23 31.35 19.56
CA ARG A 9 7.89 32.59 19.21
C ARG A 9 8.04 32.77 17.70
N VAL A 10 8.17 31.69 16.94
CA VAL A 10 8.40 31.78 15.51
C VAL A 10 7.15 31.57 14.66
N GLY A 11 6.12 30.92 15.21
CA GLY A 11 4.93 30.68 14.42
C GLY A 11 3.96 29.67 15.00
N GLY A 12 3.54 28.72 14.17
CA GLY A 12 2.46 27.81 14.52
C GLY A 12 1.26 28.10 13.64
N ARG A 13 0.79 27.09 12.91
CA ARG A 13 -0.24 27.25 11.87
C ARG A 13 0.36 28.24 10.86
N GLY A 14 -0.37 29.25 10.39
CA GLY A 14 0.23 30.23 9.52
C GLY A 14 0.35 29.76 8.08
N ARG A 15 1.37 30.28 7.38
CA ARG A 15 1.55 30.02 5.96
C ARG A 15 2.52 28.87 5.70
N PHE A 16 3.73 28.96 6.27
CA PHE A 16 4.75 27.97 5.96
C PHE A 16 4.34 26.57 6.43
N GLN A 17 3.72 26.48 7.61
CA GLN A 17 3.32 25.18 8.12
C GLN A 17 2.22 24.54 7.29
N LEU A 18 1.57 25.28 6.40
CA LEU A 18 0.63 24.75 5.44
C LEU A 18 1.27 24.45 4.08
N LEU A 19 2.20 25.30 3.65
CA LEU A 19 2.93 25.03 2.41
C LEU A 19 3.74 23.75 2.54
N GLN A 20 4.35 23.53 3.69
CA GLN A 20 5.09 22.29 3.91
C GLN A 20 4.17 21.09 3.83
N ALA A 21 2.97 21.18 4.42
CA ALA A 21 2.02 20.07 4.35
C ALA A 21 1.61 19.79 2.91
N VAL A 22 1.34 20.85 2.14
CA VAL A 22 0.95 20.66 0.75
C VAL A 22 2.10 20.05 -0.05
N ALA A 23 3.34 20.46 0.24
CA ALA A 23 4.48 19.98 -0.53
C ALA A 23 4.85 18.54 -0.15
N LEU A 24 4.44 17.98 0.97
CA LEU A 24 4.87 16.57 1.20
C LEU A 24 3.70 15.59 1.21
N VAL A 25 2.63 15.80 0.43
CA VAL A 25 1.46 14.85 0.35
C VAL A 25 1.16 14.54 -1.13
N THR A 26 1.53 15.43 -2.05
CA THR A 26 1.43 15.07 -3.50
C THR A 26 2.32 13.84 -3.77
N PRO A 27 3.54 13.65 -3.19
CA PRO A 27 4.27 12.40 -3.38
C PRO A 27 3.67 11.12 -2.75
N ILE A 28 2.76 11.22 -1.77
CA ILE A 28 2.21 10.03 -1.08
C ILE A 28 1.06 9.44 -1.91
N LEU A 29 0.61 10.13 -2.95
CA LEU A 29 -0.42 9.56 -3.85
C LEU A 29 0.30 8.60 -4.78
N TRP A 30 1.55 8.92 -5.13
CA TRP A 30 2.29 8.11 -6.12
C TRP A 30 3.05 6.99 -5.42
N VAL A 31 3.02 6.94 -4.08
CA VAL A 31 3.62 5.79 -3.37
C VAL A 31 2.56 4.68 -3.36
N THR A 32 1.27 5.01 -3.49
CA THR A 32 0.15 4.02 -3.57
C THR A 32 -0.14 3.65 -5.02
N THR A 33 0.64 4.12 -5.98
CA THR A 33 0.51 3.71 -7.40
C THR A 33 1.66 2.77 -7.65
N GLN A 34 2.57 2.63 -6.69
CA GLN A 34 3.73 1.70 -6.81
C GLN A 34 3.36 0.43 -6.06
N SER A 35 2.68 0.53 -4.93
CA SER A 35 2.31 -0.64 -4.12
C SER A 35 1.26 -1.48 -4.84
N MET A 36 0.14 -0.88 -5.25
CA MET A 36 -0.98 -1.64 -5.85
C MET A 36 -0.98 -1.51 -7.36
N LEU A 37 0.11 -1.85 -8.02
CA LEU A 37 0.17 -1.81 -9.50
C LEU A 37 0.16 -3.26 -9.93
N GLU A 38 0.25 -4.19 -8.98
CA GLU A 38 0.33 -5.62 -9.34
C GLU A 38 -1.05 -6.16 -9.68
N ASN A 39 -2.10 -5.32 -9.66
CA ASN A 39 -3.43 -5.78 -10.10
C ASN A 39 -3.52 -5.44 -11.57
N PHE A 40 -2.61 -4.63 -12.11
CA PHE A 40 -2.71 -4.15 -13.52
C PHE A 40 -1.43 -4.41 -14.33
N SER A 41 -0.32 -4.73 -13.66
CA SER A 41 0.95 -5.04 -14.36
C SER A 41 1.26 -6.52 -14.20
N ALA A 42 0.53 -7.23 -13.35
CA ALA A 42 0.71 -8.69 -13.16
C ALA A 42 -0.66 -9.32 -13.16
N ALA A 43 -1.42 -9.13 -14.23
CA ALA A 43 -2.81 -9.62 -14.22
C ALA A 43 -2.85 -10.85 -15.10
N VAL A 44 -3.45 -11.93 -14.61
CA VAL A 44 -3.47 -13.19 -15.38
C VAL A 44 -4.62 -13.10 -16.37
N PRO A 45 -4.37 -13.03 -17.69
CA PRO A 45 -5.47 -13.04 -18.62
C PRO A 45 -5.89 -14.49 -18.87
N HIS A 46 -6.82 -14.75 -19.80
CA HIS A 46 -7.17 -16.13 -20.14
C HIS A 46 -6.10 -16.68 -21.08
N HIS A 47 -5.41 -17.73 -20.66
CA HIS A 47 -4.30 -18.30 -21.42
C HIS A 47 -4.65 -19.70 -21.89
N ARG A 48 -4.51 -19.94 -23.19
CA ARG A 48 -4.72 -21.27 -23.76
C ARG A 48 -3.40 -21.79 -24.32
N CYS A 49 -3.42 -23.04 -24.79
CA CYS A 49 -2.22 -23.67 -25.30
C CYS A 49 -2.05 -23.42 -26.79
N TRP A 50 -0.81 -23.19 -27.20
CA TRP A 50 -0.51 -22.98 -28.62
C TRP A 50 -0.75 -24.26 -29.39
N VAL A 51 -1.40 -24.14 -30.55
CA VAL A 51 -1.76 -25.31 -31.36
C VAL A 51 -1.24 -25.08 -32.77
N PRO A 52 -0.74 -26.12 -33.46
CA PRO A 52 -0.40 -25.95 -34.88
C PRO A 52 -1.61 -25.82 -35.78
N LEU A 53 -2.78 -26.31 -35.36
CA LEU A 53 -3.97 -26.19 -36.19
C LEU A 53 -4.47 -24.75 -36.25
N LEU A 54 -4.79 -24.18 -35.08
CA LEU A 54 -5.18 -22.78 -34.99
C LEU A 54 -3.93 -21.91 -34.87
N ASP A 55 -4.14 -20.60 -34.77
CA ASP A 55 -3.05 -19.63 -34.62
C ASP A 55 -2.01 -19.78 -35.72
N ASN A 56 -2.46 -20.13 -36.93
CA ASN A 56 -1.61 -20.36 -38.09
C ASN A 56 -0.63 -21.51 -37.84
N SER A 57 0.23 -21.81 -38.81
CA SER A 57 1.20 -22.87 -38.67
C SER A 57 2.35 -22.48 -37.75
N GLY A 68 -14.26 -23.62 -39.61
CA GLY A 68 -14.88 -23.55 -38.31
C GLY A 68 -13.88 -23.41 -37.17
N ARG A 69 -13.74 -22.18 -36.66
CA ARG A 69 -12.81 -21.94 -35.56
C ARG A 69 -13.24 -22.67 -34.29
N ASP A 70 -14.54 -22.69 -34.01
CA ASP A 70 -15.02 -23.30 -32.77
C ASP A 70 -14.72 -24.79 -32.74
N VAL A 71 -14.96 -25.49 -33.85
CA VAL A 71 -14.68 -26.92 -33.90
C VAL A 71 -13.19 -27.19 -33.78
N LEU A 72 -12.37 -26.36 -34.42
CA LEU A 72 -10.92 -26.52 -34.33
C LEU A 72 -10.42 -26.29 -32.91
N LEU A 73 -11.00 -25.33 -32.19
CA LEU A 73 -10.64 -25.13 -30.79
C LEU A 73 -11.11 -26.30 -29.93
N ALA A 74 -12.30 -26.83 -30.20
CA ALA A 74 -12.83 -27.94 -29.40
C ALA A 74 -12.09 -29.24 -29.64
N VAL A 75 -11.54 -29.45 -30.83
CA VAL A 75 -10.87 -30.72 -31.12
C VAL A 75 -9.45 -30.78 -30.57
N SER A 76 -8.80 -29.64 -30.35
CA SER A 76 -7.39 -29.62 -29.96
C SER A 76 -7.16 -29.45 -28.47
N ILE A 77 -8.07 -28.78 -27.75
CA ILE A 77 -7.90 -28.52 -26.33
C ILE A 77 -9.01 -29.25 -25.58
N PRO A 78 -8.69 -30.15 -24.65
CA PRO A 78 -9.74 -30.84 -23.88
C PRO A 78 -10.54 -29.87 -23.04
N PRO A 79 -11.83 -30.13 -22.84
CA PRO A 79 -12.64 -29.23 -21.99
C PRO A 79 -12.12 -29.20 -20.57
N GLY A 80 -12.26 -28.04 -19.94
CA GLY A 80 -11.79 -27.84 -18.58
C GLY A 80 -12.91 -27.94 -17.56
N PRO A 81 -12.55 -27.94 -16.27
CA PRO A 81 -13.57 -28.06 -15.23
C PRO A 81 -14.46 -26.83 -15.10
N ASP A 82 -13.88 -25.64 -15.13
CA ASP A 82 -14.65 -24.42 -14.89
C ASP A 82 -15.27 -23.85 -16.16
N GLN A 83 -15.95 -24.71 -16.93
CA GLN A 83 -16.69 -24.30 -18.12
C GLN A 83 -15.84 -23.49 -19.09
N ARG A 84 -14.58 -23.86 -19.25
CA ARG A 84 -13.65 -23.14 -20.10
C ARG A 84 -12.72 -24.13 -20.77
N PRO A 85 -12.15 -23.77 -21.93
CA PRO A 85 -11.09 -24.59 -22.52
C PRO A 85 -9.90 -24.68 -21.57
N HIS A 86 -9.26 -25.85 -21.57
CA HIS A 86 -8.19 -26.10 -20.61
C HIS A 86 -7.04 -25.12 -20.82
N GLN A 87 -6.46 -24.66 -19.70
CA GLN A 87 -5.40 -23.68 -19.71
C GLN A 87 -4.02 -24.28 -19.46
N CYS A 88 -3.91 -25.61 -19.44
CA CYS A 88 -2.62 -26.21 -19.12
C CYS A 88 -2.31 -27.47 -19.93
N LEU A 89 -3.15 -27.85 -20.88
CA LEU A 89 -2.97 -29.11 -21.58
C LEU A 89 -3.41 -28.95 -23.04
N ARG A 90 -2.95 -29.88 -23.86
CA ARG A 90 -3.36 -29.94 -25.26
C ARG A 90 -3.25 -31.38 -25.72
N PHE A 91 -3.91 -31.68 -26.83
CA PHE A 91 -3.98 -33.03 -27.37
C PHE A 91 -2.73 -33.30 -28.21
N ARG A 92 -2.18 -34.51 -28.05
CA ARG A 92 -0.98 -34.89 -28.82
C ARG A 92 -1.27 -34.89 -30.32
N GLN A 93 -2.45 -35.34 -30.71
CA GLN A 93 -2.89 -35.37 -32.09
C GLN A 93 -4.35 -34.96 -32.11
N PRO A 94 -4.80 -34.19 -33.10
CA PRO A 94 -6.22 -33.78 -33.14
C PRO A 94 -7.17 -34.95 -33.02
N GLN A 95 -7.93 -34.98 -31.93
CA GLN A 95 -8.88 -36.06 -31.66
C GLN A 95 -10.11 -35.86 -32.53
N TRP A 96 -9.98 -36.26 -33.80
CA TRP A 96 -11.06 -36.10 -34.76
C TRP A 96 -12.27 -36.97 -34.45
N GLN A 97 -12.14 -37.91 -33.51
CA GLN A 97 -13.29 -38.70 -33.08
C GLN A 97 -14.38 -37.81 -32.49
N LEU A 98 -14.00 -36.68 -31.90
CA LEU A 98 -14.97 -35.72 -31.35
C LEU A 98 -15.60 -34.97 -32.51
N ILE A 99 -16.87 -35.27 -32.78
CA ILE A 99 -17.58 -34.61 -33.86
C ILE A 99 -17.90 -33.17 -33.49
N ALA A 111 -7.29 -38.77 -21.72
CA ALA A 111 -6.52 -40.00 -21.89
C ALA A 111 -5.04 -39.70 -22.10
N ASP A 112 -4.71 -39.13 -23.25
CA ASP A 112 -3.34 -38.78 -23.60
C ASP A 112 -3.26 -37.26 -23.81
N THR A 113 -2.50 -36.59 -22.96
CA THR A 113 -2.36 -35.14 -23.02
C THR A 113 -0.93 -34.78 -22.69
N GLU A 114 -0.40 -33.74 -23.33
CA GLU A 114 0.96 -33.29 -23.07
C GLU A 114 0.97 -31.83 -22.63
N PRO A 115 1.71 -31.49 -21.58
CA PRO A 115 1.87 -30.09 -21.19
C PRO A 115 2.26 -29.20 -22.36
N CYS A 116 1.95 -27.92 -22.21
CA CYS A 116 2.27 -26.94 -23.25
C CYS A 116 3.78 -26.84 -23.42
N GLU A 117 4.24 -26.90 -24.67
CA GLU A 117 5.65 -26.85 -24.98
C GLU A 117 5.99 -25.82 -26.05
N ASP A 118 5.00 -25.13 -26.61
CA ASP A 118 5.23 -24.09 -27.60
C ASP A 118 4.83 -22.71 -27.09
N GLY A 119 4.68 -22.54 -25.78
CA GLY A 119 4.26 -21.27 -25.22
C GLY A 119 2.76 -21.11 -25.21
N TRP A 120 2.25 -20.25 -24.34
CA TRP A 120 0.82 -20.04 -24.25
C TRP A 120 0.38 -18.94 -25.20
N VAL A 121 -0.93 -18.85 -25.42
CA VAL A 121 -1.55 -17.75 -26.16
C VAL A 121 -2.51 -17.05 -25.23
N TYR A 122 -2.31 -15.75 -25.04
CA TYR A 122 -3.04 -14.98 -24.04
C TYR A 122 -4.11 -14.12 -24.70
N ASP A 123 -5.04 -13.64 -23.89
CA ASP A 123 -6.16 -12.85 -24.38
C ASP A 123 -5.86 -11.37 -24.20
N HIS A 124 -5.53 -10.69 -25.30
CA HIS A 124 -5.23 -9.26 -25.28
C HIS A 124 -6.50 -8.49 -25.62
N SER A 125 -7.31 -8.22 -24.60
CA SER A 125 -8.52 -7.42 -24.78
C SER A 125 -8.68 -6.30 -23.76
N THR A 126 -7.98 -6.34 -22.62
CA THR A 126 -8.06 -5.28 -21.63
C THR A 126 -6.66 -4.83 -21.23
N PHE A 127 -5.69 -5.74 -21.35
CA PHE A 127 -4.29 -5.46 -21.07
C PHE A 127 -3.46 -5.85 -22.28
N ARG A 128 -2.41 -5.08 -22.55
CA ARG A 128 -1.55 -5.33 -23.70
C ARG A 128 -0.36 -6.22 -23.37
N SER A 129 0.34 -5.95 -22.27
CA SER A 129 1.49 -6.77 -21.89
C SER A 129 1.70 -6.64 -20.38
N THR A 130 1.31 -7.65 -19.64
CA THR A 130 1.61 -7.74 -18.22
C THR A 130 2.94 -8.47 -18.02
N ILE A 131 3.39 -8.60 -16.77
CA ILE A 131 4.59 -9.40 -16.53
C ILE A 131 4.31 -10.88 -16.74
N VAL A 132 3.08 -11.32 -16.49
CA VAL A 132 2.70 -12.70 -16.77
C VAL A 132 2.84 -13.01 -18.25
N THR A 133 2.41 -12.09 -19.11
CA THR A 133 2.53 -12.28 -20.55
C THR A 133 3.99 -12.36 -20.98
N THR A 134 4.85 -11.52 -20.38
CA THR A 134 6.24 -11.44 -20.81
C THR A 134 7.12 -12.53 -20.20
N TRP A 135 6.68 -13.21 -19.15
CA TRP A 135 7.53 -14.22 -18.52
C TRP A 135 6.84 -15.56 -18.26
N ASP A 136 5.60 -15.74 -18.71
CA ASP A 136 4.92 -17.04 -18.66
C ASP A 136 4.83 -17.57 -17.23
N LEU A 137 4.35 -16.72 -16.32
CA LEU A 137 4.13 -17.12 -14.93
C LEU A 137 2.74 -17.72 -14.76
N VAL A 138 2.48 -18.77 -15.52
CA VAL A 138 1.20 -19.47 -15.49
C VAL A 138 1.45 -20.96 -15.35
N CYS A 139 0.39 -21.68 -14.96
CA CYS A 139 0.38 -23.15 -14.91
C CYS A 139 1.40 -23.61 -13.88
N ASP A 140 2.47 -24.32 -14.26
CA ASP A 140 3.39 -24.87 -13.28
C ASP A 140 4.09 -23.76 -12.49
N SER A 141 4.54 -22.72 -13.17
CA SER A 141 5.21 -21.60 -12.52
C SER A 141 4.17 -20.57 -12.10
N GLN A 142 3.34 -20.98 -11.14
CA GLN A 142 2.27 -20.14 -10.63
C GLN A 142 2.59 -19.54 -9.27
N ALA A 143 3.35 -20.25 -8.44
CA ALA A 143 3.70 -19.75 -7.12
C ALA A 143 4.56 -18.49 -7.17
N LEU A 144 5.23 -18.24 -8.30
CA LEU A 144 6.11 -17.09 -8.39
C LEU A 144 5.37 -15.76 -8.39
N ARG A 145 4.08 -15.76 -8.73
CA ARG A 145 3.33 -14.52 -8.79
C ARG A 145 2.91 -14.04 -7.40
N PRO A 146 2.41 -14.90 -6.51
CA PRO A 146 2.16 -14.45 -5.13
C PRO A 146 3.41 -14.29 -4.29
N MET A 147 4.59 -14.52 -4.86
CA MET A 147 5.86 -14.30 -4.17
C MET A 147 6.49 -12.97 -4.52
N ALA A 148 6.24 -12.46 -5.73
CA ALA A 148 6.76 -11.15 -6.12
C ALA A 148 6.12 -10.02 -5.33
N GLN A 149 5.05 -10.29 -4.59
CA GLN A 149 4.46 -9.28 -3.71
C GLN A 149 4.96 -9.44 -2.28
N SER A 150 5.12 -10.67 -1.81
CA SER A 150 5.71 -10.88 -0.50
C SER A 150 7.15 -10.36 -0.46
N ILE A 151 7.88 -10.45 -1.57
CA ILE A 151 9.22 -9.88 -1.63
C ILE A 151 9.16 -8.36 -1.44
N PHE A 152 8.21 -7.70 -2.11
CA PHE A 152 8.09 -6.25 -1.98
C PHE A 152 7.74 -5.85 -0.55
N LEU A 153 6.81 -6.57 0.08
CA LEU A 153 6.49 -6.25 1.47
C LEU A 153 7.66 -6.54 2.42
N ALA A 154 8.44 -7.59 2.18
CA ALA A 154 9.66 -7.78 2.96
C ALA A 154 10.64 -6.63 2.75
N GLY A 155 10.71 -6.09 1.53
CA GLY A 155 11.54 -4.93 1.28
C GLY A 155 11.08 -3.72 2.06
N ILE A 156 9.77 -3.49 2.11
CA ILE A 156 9.25 -2.39 2.92
C ILE A 156 9.60 -2.60 4.39
N LEU A 157 9.46 -3.83 4.87
CA LEU A 157 9.79 -4.11 6.27
C LEU A 157 11.26 -3.82 6.56
N VAL A 158 12.16 -4.24 5.67
CA VAL A 158 13.59 -4.00 5.88
C VAL A 158 13.91 -2.52 5.82
N GLY A 159 13.37 -1.81 4.84
CA GLY A 159 13.63 -0.40 4.68
C GLY A 159 13.05 0.48 5.76
N ALA A 160 11.96 0.06 6.40
CA ALA A 160 11.39 0.81 7.51
C ALA A 160 12.19 0.62 8.79
N ALA A 161 13.09 -0.36 8.85
CA ALA A 161 13.95 -0.58 10.00
C ALA A 161 15.36 -0.06 9.82
N VAL A 162 15.91 -0.14 8.60
CA VAL A 162 17.24 0.41 8.37
C VAL A 162 17.22 1.93 8.43
N CYS A 163 16.19 2.57 7.86
CA CYS A 163 16.16 4.03 7.78
C CYS A 163 16.00 4.67 9.15
N GLY A 164 15.50 3.92 10.13
CA GLY A 164 15.35 4.48 11.46
C GLY A 164 16.66 4.86 12.11
N HIS A 165 17.72 4.08 11.84
CA HIS A 165 19.04 4.32 12.40
C HIS A 165 19.92 5.14 11.46
N ALA A 166 19.39 5.59 10.32
CA ALA A 166 20.16 6.36 9.35
C ALA A 166 19.67 7.78 9.18
N SER A 167 18.68 8.21 9.98
CA SER A 167 18.21 9.59 9.94
C SER A 167 18.58 10.38 11.18
N ASP A 168 18.72 9.72 12.33
CA ASP A 168 19.15 10.40 13.55
C ASP A 168 20.61 10.83 13.51
N ARG A 169 21.36 10.39 12.51
CA ARG A 169 22.77 10.78 12.37
C ARG A 169 23.04 11.54 11.08
N PHE A 170 22.16 11.48 10.09
CA PHE A 170 22.37 12.15 8.82
C PHE A 170 21.37 13.27 8.56
N GLY A 171 20.52 13.60 9.52
CA GLY A 171 19.48 14.61 9.32
C GLY A 171 18.17 13.99 8.87
N ARG A 172 17.12 14.81 8.91
CA ARG A 172 15.79 14.38 8.56
C ARG A 172 15.31 14.91 7.22
N ARG A 173 16.01 15.85 6.61
CA ARG A 173 15.67 16.35 5.28
C ARG A 173 16.53 15.74 4.19
N ARG A 174 17.82 15.51 4.46
CA ARG A 174 18.70 14.93 3.45
C ARG A 174 18.26 13.51 3.09
N VAL A 175 17.86 12.73 4.09
CA VAL A 175 17.46 11.35 3.83
C VAL A 175 16.24 11.31 2.92
N LEU A 176 15.28 12.20 3.15
CA LEU A 176 14.11 12.28 2.27
C LEU A 176 14.51 12.65 0.84
N THR A 177 15.42 13.61 0.69
CA THR A 177 15.84 14.04 -0.64
C THR A 177 16.51 12.90 -1.39
N TRP A 178 17.37 12.16 -0.70
CA TRP A 178 18.05 11.05 -1.38
C TRP A 178 17.12 9.88 -1.61
N SER A 179 16.13 9.69 -0.75
CA SER A 179 15.17 8.60 -0.95
C SER A 179 14.27 8.86 -2.13
N TYR A 180 13.93 10.13 -2.40
CA TYR A 180 13.22 10.45 -3.63
C TYR A 180 14.00 10.00 -4.85
N LEU A 181 15.30 10.35 -4.90
CA LEU A 181 16.13 9.97 -6.04
C LEU A 181 16.27 8.46 -6.14
N LEU A 182 16.41 7.77 -5.00
CA LEU A 182 16.52 6.32 -5.02
C LEU A 182 15.25 5.68 -5.59
N VAL A 183 14.08 6.15 -5.16
CA VAL A 183 12.83 5.66 -5.71
C VAL A 183 12.79 5.89 -7.22
N SER A 184 13.14 7.10 -7.65
CA SER A 184 13.07 7.43 -9.07
C SER A 184 13.97 6.52 -9.90
N VAL A 185 15.23 6.38 -9.49
CA VAL A 185 16.19 5.62 -10.29
C VAL A 185 15.85 4.14 -10.28
N SER A 186 15.52 3.58 -9.10
CA SER A 186 15.19 2.17 -9.03
C SER A 186 13.92 1.85 -9.81
N GLY A 187 12.93 2.74 -9.77
CA GLY A 187 11.73 2.54 -10.58
C GLY A 187 12.01 2.60 -12.06
N THR A 188 12.83 3.57 -12.49
CA THR A 188 13.16 3.71 -13.91
C THR A 188 14.02 2.57 -14.42
N ILE A 189 14.80 1.92 -13.56
CA ILE A 189 15.60 0.77 -13.95
C ILE A 189 14.79 -0.52 -13.92
N ALA A 190 13.90 -0.67 -12.93
CA ALA A 190 13.13 -1.91 -12.78
C ALA A 190 12.18 -2.16 -13.94
N ALA A 191 11.91 -1.17 -14.77
CA ALA A 191 11.06 -1.34 -15.94
C ALA A 191 11.84 -1.77 -17.17
N LEU A 192 13.15 -1.98 -17.05
CA LEU A 192 13.99 -2.35 -18.18
C LEU A 192 14.82 -3.59 -17.85
N MET A 193 14.21 -4.56 -17.16
CA MET A 193 14.98 -5.76 -16.90
C MET A 193 14.52 -6.91 -17.78
N PRO A 194 15.42 -7.81 -18.18
CA PRO A 194 15.04 -8.89 -19.08
C PRO A 194 14.67 -10.21 -18.42
N THR A 195 14.83 -10.35 -17.11
CA THR A 195 14.52 -11.60 -16.44
C THR A 195 13.86 -11.35 -15.09
N PHE A 196 13.12 -12.35 -14.61
CA PHE A 196 12.39 -12.21 -13.36
C PHE A 196 13.27 -11.95 -12.12
N PRO A 197 14.40 -12.66 -11.91
CA PRO A 197 15.13 -12.48 -10.65
C PRO A 197 15.56 -11.05 -10.38
N LEU A 198 15.96 -10.31 -11.40
CA LEU A 198 16.38 -8.92 -11.20
C LEU A 198 15.21 -7.98 -10.99
N TYR A 199 14.07 -8.26 -11.62
CA TYR A 199 12.85 -7.51 -11.34
C TYR A 199 12.35 -7.78 -9.92
N CYS A 200 12.71 -8.91 -9.33
CA CYS A 200 12.37 -9.17 -7.93
C CYS A 200 13.37 -8.57 -6.95
N LEU A 201 14.42 -7.93 -7.42
CA LEU A 201 15.39 -7.24 -6.57
C LEU A 201 15.28 -5.73 -6.66
N PHE A 202 15.10 -5.20 -7.87
CA PHE A 202 14.93 -3.76 -7.99
C PHE A 202 13.63 -3.30 -7.35
N ARG A 203 12.59 -4.13 -7.37
CA ARG A 203 11.37 -3.81 -6.63
C ARG A 203 11.61 -3.84 -5.13
N PHE A 204 12.47 -4.73 -4.65
CA PHE A 204 12.86 -4.73 -3.24
C PHE A 204 13.50 -3.40 -2.85
N LEU A 205 14.41 -2.91 -3.69
CA LEU A 205 15.03 -1.60 -3.43
C LEU A 205 14.00 -0.47 -3.47
N VAL A 206 13.08 -0.52 -4.43
CA VAL A 206 12.01 0.48 -4.49
C VAL A 206 11.20 0.46 -3.19
N ALA A 207 10.89 -0.73 -2.68
CA ALA A 207 10.10 -0.84 -1.45
C ALA A 207 10.84 -0.23 -0.27
N SER A 208 12.14 -0.53 -0.14
CA SER A 208 12.89 0.04 0.99
C SER A 208 12.92 1.56 0.92
N ALA A 209 13.17 2.12 -0.27
CA ALA A 209 13.19 3.56 -0.40
C ALA A 209 11.82 4.18 -0.13
N VAL A 210 10.74 3.52 -0.53
CA VAL A 210 9.39 4.02 -0.26
C VAL A 210 9.13 4.03 1.24
N ALA A 211 9.54 2.99 1.95
CA ALA A 211 9.37 2.97 3.40
C ALA A 211 10.11 4.12 4.06
N GLY A 212 11.34 4.37 3.61
CA GLY A 212 12.08 5.51 4.14
C GLY A 212 11.37 6.83 3.89
N VAL A 213 10.84 7.01 2.67
CA VAL A 213 10.12 8.23 2.34
C VAL A 213 8.93 8.43 3.28
N MET A 214 8.13 7.38 3.47
CA MET A 214 6.95 7.53 4.31
C MET A 214 7.32 7.86 5.75
N MET A 215 8.29 7.13 6.31
CA MET A 215 8.67 7.37 7.70
C MET A 215 9.18 8.79 7.90
N ASN A 216 10.07 9.25 7.02
CA ASN A 216 10.63 10.58 7.19
C ASN A 216 9.60 11.68 6.92
N THR A 217 8.67 11.47 5.99
CA THR A 217 7.62 12.45 5.77
C THR A 217 6.76 12.60 7.02
N ALA A 218 6.39 11.49 7.65
CA ALA A 218 5.59 11.59 8.87
C ALA A 218 6.35 12.30 9.98
N SER A 219 7.63 11.95 10.17
CA SER A 219 8.41 12.58 11.23
C SER A 219 8.57 14.08 10.99
N LEU A 220 8.85 14.47 9.74
CA LEU A 220 8.98 15.89 9.43
C LEU A 220 7.66 16.63 9.61
N LEU A 221 6.54 16.00 9.24
CA LEU A 221 5.24 16.64 9.41
C LEU A 221 4.95 16.92 10.87
N MET A 222 5.25 15.98 11.75
CA MET A 222 4.96 16.24 13.17
C MET A 222 5.99 17.17 13.81
N GLU A 223 7.25 17.11 13.37
CA GLU A 223 8.31 17.82 14.09
C GLU A 223 8.10 19.32 14.10
N TRP A 224 7.66 19.89 12.98
CA TRP A 224 7.52 21.34 12.86
C TRP A 224 6.21 21.88 13.44
N THR A 225 5.30 21.01 13.87
CA THR A 225 3.97 21.42 14.30
C THR A 225 3.74 21.04 15.76
N SER A 226 3.06 21.93 16.49
CA SER A 226 2.75 21.71 17.90
C SER A 226 1.30 22.09 18.16
N ALA A 227 0.76 21.55 19.25
CA ALA A 227 -0.61 21.81 19.68
C ALA A 227 -1.62 21.31 18.66
N GLN A 228 -1.65 21.84 17.43
CA GLN A 228 -2.59 21.40 16.36
C GLN A 228 -1.98 20.32 15.44
N ALA A 229 -1.62 19.16 15.97
CA ALA A 229 -0.95 18.13 15.15
C ALA A 229 -1.28 16.74 15.67
N GLY A 230 -1.53 16.62 16.98
CA GLY A 230 -1.89 15.33 17.58
C GLY A 230 -2.69 14.47 16.62
N PRO A 231 -3.85 14.93 16.12
CA PRO A 231 -4.57 14.18 15.10
C PRO A 231 -4.29 14.67 13.68
N LEU A 232 -4.90 15.79 13.26
CA LEU A 232 -4.81 16.28 11.86
C LEU A 232 -3.56 15.83 11.11
N MET A 233 -2.36 16.11 11.63
CA MET A 233 -1.13 15.82 10.86
C MET A 233 -1.01 14.35 10.45
N MET A 234 -1.23 13.41 11.37
CA MET A 234 -1.02 11.98 11.02
C MET A 234 -2.23 11.39 10.28
N THR A 235 -3.28 12.17 10.06
CA THR A 235 -4.41 11.68 9.24
C THR A 235 -4.20 12.13 7.80
N LEU A 236 -3.38 13.16 7.58
CA LEU A 236 -3.16 13.68 6.22
C LEU A 236 -2.32 12.67 5.44
N ASN A 237 -1.43 11.94 6.10
CA ASN A 237 -0.69 10.87 5.38
C ASN A 237 -1.69 9.78 5.02
N ALA A 238 -2.55 9.36 5.95
CA ALA A 238 -3.50 8.24 5.72
C ALA A 238 -4.64 8.56 4.74
N LEU A 239 -4.90 9.82 4.43
CA LEU A 239 -5.95 10.09 3.42
C LEU A 239 -5.30 10.41 2.08
N GLY A 240 -3.97 10.48 2.03
CA GLY A 240 -3.30 10.65 0.74
C GLY A 240 -3.31 9.30 0.06
N PHE A 241 -3.37 8.22 0.85
CA PHE A 241 -3.46 6.86 0.28
C PHE A 241 -4.80 6.68 -0.41
N SER A 242 -5.91 7.07 0.24
CA SER A 242 -7.27 6.89 -0.33
C SER A 242 -7.47 7.63 -1.65
N PHE A 243 -6.84 8.79 -1.86
CA PHE A 243 -6.95 9.47 -3.16
C PHE A 243 -5.95 8.84 -4.11
N GLY A 244 -4.97 8.13 -3.56
CA GLY A 244 -3.94 7.49 -4.40
C GLY A 244 -4.52 6.33 -5.15
N GLN A 245 -5.37 5.53 -4.50
CA GLN A 245 -6.05 4.43 -5.19
C GLN A 245 -6.76 5.00 -6.44
N VAL A 246 -7.56 6.06 -6.30
CA VAL A 246 -8.31 6.64 -7.44
C VAL A 246 -7.34 7.01 -8.58
N LEU A 247 -6.09 7.34 -8.28
CA LEU A 247 -5.09 7.64 -9.34
C LEU A 247 -4.63 6.34 -10.01
N THR A 248 -4.40 5.25 -9.27
CA THR A 248 -3.98 3.96 -9.86
C THR A 248 -5.00 3.54 -10.89
N GLY A 249 -6.29 3.50 -10.52
CA GLY A 249 -7.36 3.17 -11.47
C GLY A 249 -7.26 4.00 -12.72
N SER A 250 -7.19 5.33 -12.59
CA SER A 250 -7.13 6.24 -13.75
C SER A 250 -5.87 6.05 -14.62
N VAL A 251 -4.65 6.05 -14.08
CA VAL A 251 -3.41 5.97 -14.93
C VAL A 251 -3.29 4.58 -15.55
N ALA A 252 -4.07 3.60 -15.07
CA ALA A 252 -4.07 2.26 -15.68
C ALA A 252 -5.17 2.18 -16.72
N TYR A 253 -6.23 2.99 -16.58
CA TYR A 253 -7.26 3.06 -17.64
C TYR A 253 -6.52 3.62 -18.83
N GLY A 254 -5.63 4.55 -18.57
CA GLY A 254 -4.85 5.18 -19.64
C GLY A 254 -3.63 4.39 -20.02
N VAL A 255 -2.61 4.27 -19.14
CA VAL A 255 -1.48 3.51 -19.68
C VAL A 255 -1.76 2.03 -19.44
N ARG A 256 -1.68 1.23 -20.51
CA ARG A 256 -2.10 -0.16 -20.44
C ARG A 256 -0.96 -1.16 -20.42
N SER A 257 0.22 -0.81 -20.95
CA SER A 257 1.35 -1.71 -20.93
C SER A 257 1.92 -1.78 -19.52
N TRP A 258 3.00 -2.54 -19.32
CA TRP A 258 3.65 -2.60 -18.03
C TRP A 258 5.04 -1.98 -18.02
N ARG A 259 5.72 -1.93 -19.16
CA ARG A 259 6.99 -1.20 -19.24
C ARG A 259 6.80 0.31 -19.30
N MET A 260 5.66 0.77 -19.81
CA MET A 260 5.37 2.20 -19.86
C MET A 260 4.56 2.66 -18.67
N LEU A 261 4.20 1.77 -17.75
CA LEU A 261 3.53 2.18 -16.52
C LEU A 261 4.52 2.46 -15.39
N GLN A 262 5.52 1.60 -15.23
CA GLN A 262 6.54 1.84 -14.21
C GLN A 262 7.32 3.12 -14.49
N LEU A 263 7.65 3.38 -15.76
CA LEU A 263 8.31 4.63 -16.10
C LEU A 263 7.44 5.83 -15.77
N ALA A 264 6.16 5.79 -16.16
CA ALA A 264 5.27 6.93 -15.95
C ALA A 264 4.97 7.15 -14.48
N VAL A 265 5.09 6.11 -13.66
CA VAL A 265 4.86 6.28 -12.23
C VAL A 265 6.13 6.69 -11.50
N SER A 266 7.30 6.26 -11.97
CA SER A 266 8.54 6.56 -11.25
C SER A 266 9.15 7.89 -11.68
N ALA A 267 8.78 8.40 -12.86
CA ALA A 267 9.33 9.67 -13.31
C ALA A 267 9.00 10.85 -12.41
N PRO A 268 7.76 11.02 -11.90
CA PRO A 268 7.47 12.20 -11.07
C PRO A 268 8.34 12.33 -9.83
N PHE A 269 8.90 11.23 -9.33
CA PHE A 269 9.72 11.33 -8.13
C PHE A 269 10.99 12.13 -8.37
N PHE A 270 11.55 12.06 -9.58
CA PHE A 270 12.70 12.91 -9.88
C PHE A 270 12.32 14.39 -9.84
N LEU A 271 11.15 14.74 -10.40
CA LEU A 271 10.69 16.11 -10.33
C LEU A 271 10.42 16.55 -8.90
N PHE A 272 10.00 15.63 -8.04
CA PHE A 272 9.88 15.95 -6.61
C PHE A 272 11.24 16.18 -5.97
N PHE A 273 12.25 15.41 -6.38
CA PHE A 273 13.59 15.54 -5.81
C PHE A 273 14.15 16.95 -6.04
N VAL A 274 13.96 17.51 -7.22
CA VAL A 274 14.54 18.81 -7.53
C VAL A 274 13.94 19.90 -6.64
N TYR A 275 12.62 19.89 -6.46
CA TYR A 275 12.00 20.90 -5.62
C TYR A 275 12.14 20.62 -4.13
N SER A 276 12.55 19.40 -3.75
CA SER A 276 12.74 19.08 -2.35
C SER A 276 14.03 19.66 -1.77
N TRP A 277 14.80 20.43 -2.54
CA TRP A 277 16.02 21.03 -2.05
C TRP A 277 15.80 22.34 -1.30
N TRP A 278 14.58 22.86 -1.26
CA TRP A 278 14.31 24.16 -0.66
C TRP A 278 13.58 24.09 0.67
N LEU A 279 12.94 22.98 0.98
CA LEU A 279 12.23 22.87 2.25
C LEU A 279 13.21 22.88 3.41
N PRO A 280 12.96 23.64 4.47
CA PRO A 280 13.88 23.66 5.61
C PRO A 280 13.91 22.34 6.35
N GLU A 281 15.06 22.05 6.96
CA GLU A 281 15.22 20.86 7.76
C GLU A 281 14.55 21.04 9.11
N SER A 282 14.32 19.92 9.80
CA SER A 282 13.73 19.97 11.13
C SER A 282 14.57 20.84 12.05
N ALA A 283 13.91 21.73 12.78
CA ALA A 283 14.60 22.67 13.66
C ALA A 283 14.84 22.11 15.05
N ARG A 284 14.30 20.94 15.37
CA ARG A 284 14.55 20.29 16.64
C ARG A 284 15.72 19.32 16.60
N TRP A 285 15.96 18.68 15.45
CA TRP A 285 17.13 17.82 15.32
C TRP A 285 18.42 18.62 15.26
N LEU A 286 18.39 19.80 14.64
CA LEU A 286 19.59 20.61 14.51
C LEU A 286 20.12 21.09 15.86
N ILE A 287 19.28 21.08 16.90
CA ILE A 287 19.70 21.62 18.19
C ILE A 287 20.46 20.58 19.00
N THR A 288 20.01 19.32 18.98
CA THR A 288 20.64 18.28 19.77
C THR A 288 21.99 17.83 19.20
N VAL A 289 22.33 18.23 17.98
CA VAL A 289 23.61 17.84 17.40
C VAL A 289 24.64 18.97 17.47
N GLY A 290 24.24 20.18 17.84
CA GLY A 290 25.17 21.29 17.94
C GLY A 290 25.21 22.20 16.73
N ARG A 291 24.35 21.99 15.75
CA ARG A 291 24.36 22.81 14.52
C ARG A 291 23.48 24.04 14.75
N LEU A 292 23.91 24.84 15.73
CA LEU A 292 23.09 25.96 16.20
C LEU A 292 22.95 27.03 15.13
N ASP A 293 24.04 27.33 14.41
CA ASP A 293 24.00 28.44 13.45
C ASP A 293 23.01 28.16 12.33
N GLN A 294 23.05 26.96 11.75
CA GLN A 294 22.12 26.62 10.69
C GLN A 294 20.69 26.50 11.21
N SER A 295 20.52 26.07 12.47
CA SER A 295 19.19 26.07 13.07
C SER A 295 18.65 27.49 13.16
N LEU A 296 19.49 28.45 13.56
CA LEU A 296 19.07 29.84 13.59
C LEU A 296 18.70 30.33 12.20
N ARG A 297 19.52 30.00 11.20
CA ARG A 297 19.21 30.42 9.84
C ARG A 297 17.87 29.86 9.38
N GLU A 298 17.62 28.57 9.66
CA GLU A 298 16.36 27.96 9.28
C GLU A 298 15.17 28.62 9.99
N LEU A 299 15.32 28.91 11.29
CA LEU A 299 14.21 29.51 12.02
C LEU A 299 13.91 30.91 11.51
N GLN A 300 14.94 31.72 11.26
CA GLN A 300 14.70 33.05 10.72
C GLN A 300 14.09 32.97 9.31
N ARG A 301 14.53 32.01 8.51
CA ARG A 301 13.95 31.85 7.18
C ARG A 301 12.47 31.48 7.27
N VAL A 302 12.12 30.60 8.20
CA VAL A 302 10.72 30.23 8.38
C VAL A 302 9.92 31.44 8.87
N ALA A 303 10.53 32.27 9.72
CA ALA A 303 9.83 33.44 10.24
C ALA A 303 9.42 34.40 9.14
N ALA A 304 10.29 34.59 8.15
CA ALA A 304 9.96 35.50 7.04
C ALA A 304 8.76 35.00 6.26
N VAL A 305 8.70 33.70 5.98
CA VAL A 305 7.56 33.15 5.25
C VAL A 305 6.30 33.25 6.10
N ASN A 306 6.40 32.93 7.39
CA ASN A 306 5.24 33.02 8.28
C ASN A 306 4.81 34.47 8.53
N ARG A 307 5.61 35.45 8.12
CA ARG A 307 5.36 36.88 8.23
C ARG A 307 5.38 37.37 9.67
N ARG A 308 5.61 36.49 10.65
CA ARG A 308 5.68 36.89 12.05
C ARG A 308 7.10 37.31 12.42
N LYS A 309 7.58 38.32 11.70
CA LYS A 309 8.93 38.84 11.90
C LYS A 309 8.96 39.92 12.98
N ALA A 310 8.41 39.59 14.15
CA ALA A 310 8.41 40.50 15.29
C ALA A 310 9.19 39.93 16.48
N GLU A 311 8.91 38.69 16.87
CA GLU A 311 9.63 38.05 17.96
C GLU A 311 10.95 37.43 17.52
N ALA A 312 11.16 37.26 16.22
CA ALA A 312 12.38 36.61 15.73
C ALA A 312 13.64 37.39 16.08
N ASP A 313 13.52 38.68 16.41
CA ASP A 313 14.68 39.46 16.81
C ASP A 313 15.23 38.98 18.15
N THR A 314 14.43 38.23 18.92
CA THR A 314 14.88 37.76 20.22
C THR A 314 16.00 36.72 20.09
N LEU A 315 15.95 35.88 19.06
CA LEU A 315 16.90 34.78 18.90
C LEU A 315 18.33 35.28 18.68
N THR A 316 19.19 35.10 19.68
CA THR A 316 20.58 35.54 19.62
C THR A 316 21.50 34.44 20.16
N VAL A 317 21.33 33.22 19.63
CA VAL A 317 22.21 32.08 19.90
C VAL A 317 22.03 31.56 21.31
N GLU A 318 22.13 32.44 22.30
CA GLU A 318 22.20 32.02 23.70
C GLU A 318 20.95 31.27 24.13
N VAL A 319 19.78 31.73 23.69
CA VAL A 319 18.54 31.06 24.05
C VAL A 319 18.54 29.63 23.51
N LEU A 320 18.95 29.46 22.25
CA LEU A 320 19.04 28.12 21.68
C LEU A 320 20.13 27.31 22.33
N ARG A 321 21.19 27.96 22.81
CA ARG A 321 22.22 27.26 23.58
C ARG A 321 21.65 26.69 24.87
N SER A 322 20.79 27.47 25.55
CA SER A 322 20.13 26.96 26.75
C SER A 322 19.11 25.88 26.40
N ALA A 323 18.49 25.96 25.22
CA ALA A 323 17.57 24.91 24.80
C ALA A 323 18.30 23.60 24.59
N MET A 324 19.52 23.64 24.07
CA MET A 324 20.32 22.45 23.85
C MET A 324 20.97 21.98 25.15
N ARG A 347 0.14 -4.73 29.95
CA ARG A 347 0.73 -5.65 28.98
C ARG A 347 -0.35 -6.27 28.10
N LEU A 348 -1.51 -6.55 28.69
CA LEU A 348 -2.63 -7.11 27.93
C LEU A 348 -3.07 -6.16 26.83
N ARG A 349 -3.15 -4.86 27.15
CA ARG A 349 -3.52 -3.88 26.14
C ARG A 349 -2.49 -3.84 25.01
N THR A 350 -1.21 -3.96 25.35
CA THR A 350 -0.17 -3.97 24.33
C THR A 350 -0.33 -5.15 23.38
N PHE A 351 -0.61 -6.33 23.92
CA PHE A 351 -0.80 -7.50 23.06
C PHE A 351 -2.08 -7.37 22.24
N ILE A 352 -3.13 -6.76 22.80
CA ILE A 352 -4.36 -6.55 22.04
C ILE A 352 -4.09 -5.62 20.86
N SER A 353 -3.22 -4.62 21.04
CA SER A 353 -3.05 -3.65 19.92
C SER A 353 -2.28 -4.31 18.78
N MET A 354 -1.29 -5.15 19.09
CA MET A 354 -0.45 -5.72 18.01
C MET A 354 -1.32 -6.58 17.11
N LEU A 355 -2.14 -7.45 17.71
CA LEU A 355 -2.99 -8.37 16.91
C LEU A 355 -3.86 -7.56 15.95
N CYS A 356 -4.34 -6.39 16.37
CA CYS A 356 -5.26 -5.62 15.50
C CYS A 356 -4.55 -5.14 14.23
N TRP A 357 -3.31 -4.66 14.34
CA TRP A 357 -2.54 -4.21 13.15
C TRP A 357 -2.20 -5.42 12.28
N PHE A 358 -1.81 -6.54 12.89
CA PHE A 358 -1.44 -7.75 12.11
C PHE A 358 -2.62 -8.09 11.20
N ALA A 359 -3.83 -8.03 11.74
CA ALA A 359 -5.02 -8.40 10.96
C ALA A 359 -5.27 -7.41 9.82
N PHE A 360 -5.00 -6.12 10.01
CA PHE A 360 -5.13 -5.16 8.89
C PHE A 360 -4.16 -5.55 7.77
N GLY A 361 -2.91 -5.86 8.09
CA GLY A 361 -1.94 -6.17 7.03
C GLY A 361 -2.32 -7.46 6.34
N PHE A 362 -2.45 -8.54 7.09
CA PHE A 362 -2.81 -9.87 6.52
C PHE A 362 -3.99 -9.76 5.59
N THR A 363 -5.13 -9.27 6.08
CA THR A 363 -6.38 -9.24 5.28
C THR A 363 -6.35 -8.19 4.17
N PHE A 364 -5.94 -6.96 4.46
CA PHE A 364 -6.02 -5.95 3.39
C PHE A 364 -5.01 -6.23 2.30
N PHE A 365 -3.74 -6.47 2.65
CA PHE A 365 -2.68 -6.62 1.61
C PHE A 365 -2.71 -7.97 0.93
N GLY A 366 -3.62 -8.85 1.32
CA GLY A 366 -3.75 -10.13 0.63
C GLY A 366 -4.98 -10.15 -0.24
N LEU A 367 -6.06 -9.49 0.15
CA LEU A 367 -7.33 -9.51 -0.60
C LEU A 367 -7.39 -8.33 -1.57
N ALA A 368 -6.55 -7.31 -1.40
CA ALA A 368 -6.62 -6.10 -2.24
C ALA A 368 -5.64 -6.20 -3.40
N LEU A 369 -4.65 -7.09 -3.29
CA LEU A 369 -3.68 -7.26 -4.39
C LEU A 369 -4.18 -8.34 -5.34
N ASP A 370 -5.45 -8.71 -5.26
CA ASP A 370 -6.06 -9.64 -6.24
C ASP A 370 -7.52 -9.20 -6.50
N LEU A 371 -7.80 -7.89 -6.53
CA LEU A 371 -9.16 -7.44 -6.86
C LEU A 371 -9.70 -8.06 -8.14
N GLN A 372 -8.98 -8.94 -8.83
CA GLN A 372 -9.56 -9.69 -9.94
C GLN A 372 -10.40 -10.86 -9.46
N ALA A 373 -10.35 -11.19 -8.17
CA ALA A 373 -11.16 -12.26 -7.60
C ALA A 373 -12.31 -11.75 -6.75
N LEU A 374 -12.36 -10.46 -6.43
CA LEU A 374 -13.46 -9.87 -5.70
C LEU A 374 -14.57 -9.38 -6.60
N GLY A 375 -14.42 -9.51 -7.92
CA GLY A 375 -15.44 -9.04 -8.85
C GLY A 375 -14.91 -8.87 -10.25
N SER A 376 -15.31 -7.79 -10.91
CA SER A 376 -14.86 -7.46 -12.25
C SER A 376 -14.69 -5.95 -12.36
N ASN A 377 -14.23 -5.50 -13.54
CA ASN A 377 -13.98 -4.09 -13.82
C ASN A 377 -12.97 -3.52 -12.81
N ILE A 378 -11.74 -4.03 -12.92
CA ILE A 378 -10.68 -3.66 -12.00
C ILE A 378 -10.43 -2.15 -12.01
N PHE A 379 -10.63 -1.49 -13.15
CA PHE A 379 -10.40 -0.06 -13.22
C PHE A 379 -11.42 0.72 -12.39
N LEU A 380 -12.69 0.31 -12.44
CA LEU A 380 -13.70 0.97 -11.61
C LEU A 380 -13.42 0.73 -10.13
N LEU A 381 -13.07 -0.50 -9.77
CA LEU A 381 -12.49 -0.74 -8.46
C LEU A 381 -11.12 -0.09 -8.38
N GLN A 382 -10.54 -0.11 -7.18
CA GLN A 382 -9.32 0.61 -6.85
C GLN A 382 -9.53 2.13 -6.91
N ALA A 383 -10.72 2.57 -7.30
CA ALA A 383 -11.10 3.99 -7.28
C ALA A 383 -12.29 4.22 -6.38
N LEU A 384 -13.23 3.26 -6.33
CA LEU A 384 -14.32 3.35 -5.38
C LEU A 384 -13.86 3.06 -3.96
N ILE A 385 -12.67 2.50 -3.80
CA ILE A 385 -12.19 2.14 -2.46
C ILE A 385 -11.98 3.39 -1.62
N GLY A 386 -11.24 4.38 -2.14
CA GLY A 386 -11.02 5.59 -1.37
C GLY A 386 -12.26 6.44 -1.23
N ILE A 387 -13.05 6.54 -2.30
CA ILE A 387 -14.28 7.32 -2.28
C ILE A 387 -15.24 6.76 -1.24
N VAL A 388 -15.29 5.44 -1.11
CA VAL A 388 -16.05 4.84 -0.02
C VAL A 388 -15.37 5.11 1.32
N ASP A 389 -14.04 5.03 1.34
CA ASP A 389 -13.30 5.04 2.60
C ASP A 389 -13.52 6.34 3.37
N LEU A 390 -13.36 7.49 2.72
CA LEU A 390 -13.43 8.74 3.47
C LEU A 390 -14.81 8.97 4.10
N PRO A 391 -15.92 8.97 3.35
CA PRO A 391 -17.22 9.05 4.03
C PRO A 391 -17.44 7.94 5.04
N VAL A 392 -17.03 6.71 4.72
CA VAL A 392 -17.25 5.60 5.65
C VAL A 392 -16.46 5.82 6.93
N LYS A 393 -15.18 6.18 6.82
CA LYS A 393 -14.38 6.37 8.02
C LYS A 393 -14.95 7.49 8.89
N MET A 394 -15.30 8.62 8.26
CA MET A 394 -15.79 9.75 9.05
C MET A 394 -17.13 9.43 9.71
N GLY A 395 -18.07 8.89 8.92
CA GLY A 395 -19.39 8.61 9.47
C GLY A 395 -19.38 7.53 10.52
N SER A 396 -18.61 6.46 10.28
CA SER A 396 -18.51 5.40 11.27
C SER A 396 -17.85 5.88 12.55
N LEU A 397 -16.77 6.67 12.43
CA LEU A 397 -16.10 7.19 13.60
C LEU A 397 -17.03 8.06 14.43
N LEU A 398 -17.67 9.03 13.79
CA LEU A 398 -18.50 9.99 14.50
C LEU A 398 -19.63 9.30 15.27
N LEU A 399 -20.30 8.35 14.62
CA LEU A 399 -21.42 7.67 15.27
C LEU A 399 -20.94 6.69 16.33
N LEU A 400 -19.93 5.87 16.02
CA LEU A 400 -19.58 4.77 16.89
C LEU A 400 -18.80 5.22 18.12
N SER A 401 -17.95 6.24 17.99
CA SER A 401 -17.16 6.68 19.12
C SER A 401 -18.03 7.16 20.28
N ARG A 402 -19.22 7.67 19.97
CA ARG A 402 -20.12 8.12 21.03
C ARG A 402 -20.60 6.95 21.88
N LEU A 403 -20.69 5.75 21.30
CA LEU A 403 -21.02 4.57 22.09
C LEU A 403 -19.92 4.28 23.10
N GLY A 404 -18.66 4.42 22.70
CA GLY A 404 -17.55 4.18 23.59
C GLY A 404 -16.27 4.00 22.81
N ARG A 405 -15.16 4.04 23.53
CA ARG A 405 -13.86 3.87 22.90
C ARG A 405 -13.61 2.42 22.49
N ARG A 406 -13.96 1.48 23.37
CA ARG A 406 -13.77 0.06 23.05
C ARG A 406 -14.75 -0.42 22.00
N LEU A 407 -15.97 0.14 22.00
CA LEU A 407 -16.98 -0.28 21.04
C LEU A 407 -16.57 0.06 19.61
N CYS A 408 -15.98 1.25 19.41
CA CYS A 408 -15.51 1.64 18.09
C CYS A 408 -14.37 0.73 17.63
N GLN A 409 -13.47 0.35 18.55
CA GLN A 409 -12.42 -0.58 18.19
C GLN A 409 -12.98 -1.94 17.81
N ALA A 410 -13.99 -2.41 18.55
CA ALA A 410 -14.58 -3.73 18.30
C ALA A 410 -15.37 -3.78 17.00
N SER A 411 -16.15 -2.74 16.71
CA SER A 411 -17.03 -2.76 15.54
C SER A 411 -16.32 -2.44 14.24
N SER A 412 -15.04 -2.07 14.28
CA SER A 412 -14.29 -1.77 13.08
C SER A 412 -13.50 -2.97 12.56
N LEU A 413 -13.54 -4.10 13.26
CA LEU A 413 -12.88 -5.32 12.82
C LEU A 413 -13.88 -6.45 12.57
N VAL A 414 -14.87 -6.61 13.45
CA VAL A 414 -15.85 -7.67 13.27
C VAL A 414 -16.70 -7.41 12.03
N LEU A 415 -17.10 -6.15 11.82
CA LEU A 415 -17.97 -5.83 10.69
C LEU A 415 -17.30 -6.11 9.34
N PRO A 416 -16.07 -5.61 9.04
CA PRO A 416 -15.48 -5.91 7.72
C PRO A 416 -15.13 -7.38 7.57
N GLY A 417 -14.68 -8.01 8.65
CA GLY A 417 -14.38 -9.44 8.60
C GLY A 417 -15.60 -10.27 8.27
N LEU A 418 -16.73 -9.98 8.93
CA LEU A 418 -17.98 -10.66 8.62
C LEU A 418 -18.47 -10.33 7.22
N CYS A 419 -18.28 -9.09 6.75
CA CYS A 419 -18.66 -8.75 5.39
C CYS A 419 -17.87 -9.55 4.37
N ILE A 420 -16.58 -9.74 4.61
CA ILE A 420 -15.76 -10.54 3.71
C ILE A 420 -16.15 -12.01 3.79
N LEU A 421 -16.40 -12.51 5.01
CA LEU A 421 -16.78 -13.92 5.15
C LEU A 421 -18.10 -14.21 4.46
N ALA A 422 -19.06 -13.30 4.52
CA ALA A 422 -20.36 -13.50 3.91
C ALA A 422 -20.33 -13.31 2.39
N ASN A 423 -19.15 -13.25 1.78
CA ASN A 423 -19.02 -13.14 0.33
C ASN A 423 -18.94 -14.48 -0.36
N ILE A 424 -18.57 -15.54 0.36
CA ILE A 424 -18.48 -16.87 -0.24
C ILE A 424 -19.87 -17.40 -0.58
N LEU A 425 -20.84 -17.19 0.32
CA LEU A 425 -22.16 -17.79 0.17
C LEU A 425 -22.91 -17.24 -1.04
N VAL A 426 -22.65 -15.99 -1.43
CA VAL A 426 -23.40 -15.36 -2.51
C VAL A 426 -23.10 -16.10 -3.82
N PRO A 427 -24.11 -16.52 -4.58
CA PRO A 427 -23.84 -17.18 -5.86
C PRO A 427 -23.27 -16.21 -6.88
N ARG A 428 -22.53 -16.75 -7.85
CA ARG A 428 -21.79 -15.93 -8.80
C ARG A 428 -22.68 -15.42 -9.92
N GLU A 429 -23.82 -14.83 -9.58
CA GLU A 429 -24.62 -14.07 -10.53
C GLU A 429 -25.12 -12.73 -10.01
N MET A 430 -25.17 -12.52 -8.70
CA MET A 430 -25.48 -11.21 -8.13
C MET A 430 -24.17 -10.43 -7.98
N GLY A 431 -23.69 -9.91 -9.11
CA GLY A 431 -22.42 -9.21 -9.12
C GLY A 431 -22.43 -7.95 -8.27
N ILE A 432 -23.57 -7.27 -8.41
CA ILE A 432 -23.76 -6.07 -7.57
C ILE A 432 -23.61 -6.61 -6.16
N LEU A 433 -24.19 -7.77 -5.85
CA LEU A 433 -24.11 -8.20 -4.43
C LEU A 433 -22.69 -8.69 -4.13
N ARG A 434 -22.04 -9.41 -5.04
CA ARG A 434 -20.71 -9.97 -4.70
C ARG A 434 -19.68 -8.85 -4.72
N SER A 435 -19.76 -7.95 -5.69
CA SER A 435 -18.83 -6.79 -5.73
C SER A 435 -19.14 -5.84 -4.58
N SER A 436 -20.42 -5.56 -4.29
CA SER A 436 -20.72 -4.55 -3.25
C SER A 436 -20.16 -5.02 -1.91
N LEU A 437 -20.33 -6.30 -1.57
CA LEU A 437 -19.88 -6.75 -0.24
C LEU A 437 -18.35 -6.74 -0.23
N ALA A 438 -17.72 -6.80 -1.41
CA ALA A 438 -16.25 -6.69 -1.51
C ALA A 438 -15.80 -5.24 -1.35
N VAL A 439 -16.29 -4.32 -2.18
CA VAL A 439 -15.96 -2.87 -2.03
C VAL A 439 -16.14 -2.43 -0.58
N LEU A 440 -17.31 -2.69 0.00
CA LEU A 440 -17.59 -2.24 1.38
C LEU A 440 -16.73 -3.03 2.36
N GLY A 441 -16.41 -4.28 2.03
CA GLY A 441 -15.55 -5.08 2.91
C GLY A 441 -14.16 -4.51 3.00
N LEU A 442 -13.51 -4.28 1.87
CA LEU A 442 -12.12 -3.78 1.86
C LEU A 442 -12.05 -2.34 2.36
N GLY A 443 -13.03 -1.49 2.00
CA GLY A 443 -13.07 -0.09 2.47
C GLY A 443 -13.19 0.04 3.97
N SER A 444 -13.96 -0.82 4.62
CA SER A 444 -14.19 -0.71 6.08
C SER A 444 -12.95 -1.17 6.86
N LEU A 445 -12.06 -1.95 6.24
CA LEU A 445 -10.78 -2.32 6.92
C LEU A 445 -9.91 -1.06 6.97
N GLY A 446 -10.05 -0.16 5.98
CA GLY A 446 -9.29 1.11 5.96
C GLY A 446 -9.70 2.06 7.07
N ALA A 447 -10.79 1.80 7.80
CA ALA A 447 -11.15 2.67 8.96
C ALA A 447 -10.52 2.10 10.22
N ALA A 448 -10.06 0.85 10.18
CA ALA A 448 -9.33 0.30 11.36
C ALA A 448 -7.98 1.00 11.44
N PHE A 449 -7.35 1.28 10.29
CA PHE A 449 -6.08 2.04 10.28
C PHE A 449 -6.29 3.30 11.13
N THR A 450 -7.29 4.11 10.79
CA THR A 450 -7.54 5.39 11.52
C THR A 450 -7.97 5.14 12.97
N CYS A 451 -8.86 4.18 13.24
CA CYS A 451 -9.38 4.02 14.63
C CYS A 451 -8.36 3.29 15.52
N VAL A 452 -7.11 3.16 15.09
CA VAL A 452 -6.06 2.56 15.97
C VAL A 452 -4.79 3.43 15.82
N THR A 453 -4.89 4.52 15.06
CA THR A 453 -3.73 5.44 14.94
C THR A 453 -3.88 6.57 15.97
N ILE A 454 -5.09 7.11 16.17
CA ILE A 454 -5.22 8.30 17.07
C ILE A 454 -6.09 7.99 18.28
N PHE A 455 -7.29 7.47 18.07
CA PHE A 455 -8.25 7.14 19.13
C PHE A 455 -7.66 6.12 20.10
N SER A 456 -6.90 5.16 19.58
CA SER A 456 -6.19 4.20 20.40
C SER A 456 -4.78 4.73 20.68
N SER A 457 -3.90 3.87 21.17
CA SER A 457 -2.53 4.15 21.59
C SER A 457 -2.50 4.90 22.93
N GLU A 458 -3.65 5.28 23.47
CA GLU A 458 -3.77 5.81 24.82
C GLU A 458 -3.81 4.72 25.88
N LEU A 459 -4.06 3.47 25.48
CA LEU A 459 -4.26 2.36 26.42
C LEU A 459 -2.91 1.93 27.02
N PHE A 460 -2.33 2.85 27.79
CA PHE A 460 -1.04 2.62 28.43
C PHE A 460 -0.83 3.74 29.45
N PRO A 461 0.29 3.71 30.22
CA PRO A 461 0.51 4.74 31.25
C PRO A 461 0.42 6.18 30.79
N THR A 462 0.23 6.41 29.49
CA THR A 462 -0.11 7.73 28.95
C THR A 462 0.97 8.76 29.27
N VAL A 463 2.15 8.59 28.67
CA VAL A 463 3.18 9.63 28.73
C VAL A 463 3.28 10.29 27.36
N ILE A 464 3.61 9.49 26.33
CA ILE A 464 3.63 9.95 24.95
C ILE A 464 3.35 8.75 24.05
N ARG A 465 2.68 9.03 22.93
CA ARG A 465 2.14 7.97 22.08
C ARG A 465 3.10 7.48 21.00
N MET A 466 4.27 8.11 20.83
CA MET A 466 5.19 7.64 19.82
C MET A 466 6.06 6.49 20.31
N THR A 467 5.59 5.86 21.35
CA THR A 467 6.27 4.62 21.77
C THR A 467 5.66 3.46 21.00
N ALA A 468 4.35 3.23 21.10
CA ALA A 468 3.74 2.00 20.53
C ALA A 468 3.12 2.13 19.13
N VAL A 469 2.85 3.33 18.61
CA VAL A 469 2.35 3.39 17.20
C VAL A 469 3.47 2.80 16.34
N GLY A 470 4.72 3.11 16.66
CA GLY A 470 5.85 2.56 15.91
C GLY A 470 5.88 1.06 15.94
N LEU A 471 5.68 0.45 17.11
CA LEU A 471 5.76 -1.03 17.25
C LEU A 471 4.57 -1.67 16.53
N GLY A 472 3.42 -1.00 16.56
CA GLY A 472 2.26 -1.51 15.82
C GLY A 472 2.55 -1.59 14.34
N GLN A 473 3.19 -0.57 13.77
CA GLN A 473 3.39 -0.59 12.30
C GLN A 473 4.39 -1.69 11.93
N VAL A 474 5.28 -2.08 12.85
CA VAL A 474 6.20 -3.22 12.55
C VAL A 474 5.34 -4.46 12.30
N ALA A 475 4.35 -4.70 13.15
CA ALA A 475 3.47 -5.88 12.98
C ALA A 475 2.70 -5.80 11.66
N ALA A 476 2.13 -4.64 11.33
CA ALA A 476 1.31 -4.55 10.11
C ALA A 476 2.17 -4.77 8.87
N ARG A 477 3.44 -4.35 8.91
CA ARG A 477 4.34 -4.48 7.74
C ARG A 477 4.88 -5.91 7.68
N GLY A 478 4.80 -6.65 8.79
CA GLY A 478 5.24 -8.04 8.82
C GLY A 478 4.09 -9.00 8.60
N GLY A 479 2.87 -8.55 8.81
CA GLY A 479 1.71 -9.40 8.49
C GLY A 479 1.40 -9.30 7.01
N ALA A 480 1.89 -8.24 6.36
CA ALA A 480 1.71 -8.05 4.92
C ALA A 480 2.68 -8.96 4.18
N MET A 481 3.86 -9.20 4.76
CA MET A 481 4.75 -10.20 4.10
C MET A 481 4.11 -11.57 4.36
N LEU A 482 3.65 -11.87 5.59
CA LEU A 482 2.88 -13.10 5.73
C LEU A 482 1.47 -12.96 5.19
N GLY A 483 1.30 -12.14 4.15
CA GLY A 483 0.01 -11.82 3.60
C GLY A 483 -0.28 -12.64 2.37
N PRO A 484 0.02 -12.10 1.20
CA PRO A 484 -0.28 -12.80 -0.06
C PRO A 484 0.22 -14.23 -0.13
N LEU A 485 1.03 -14.65 0.83
CA LEU A 485 1.44 -16.05 0.91
C LEU A 485 0.27 -16.97 1.15
N VAL A 486 -0.79 -16.47 1.79
CA VAL A 486 -1.99 -17.28 1.98
C VAL A 486 -2.66 -17.55 0.64
N ARG A 487 -2.60 -16.59 -0.28
CA ARG A 487 -3.19 -16.78 -1.60
C ARG A 487 -2.52 -17.91 -2.39
N LEU A 488 -1.34 -18.37 -1.95
CA LEU A 488 -0.71 -19.54 -2.53
C LEU A 488 -1.53 -20.81 -2.32
N LEU A 489 -2.52 -20.77 -1.41
CA LEU A 489 -3.33 -21.94 -1.09
C LEU A 489 -4.59 -22.01 -1.93
N GLY A 490 -4.54 -21.48 -3.16
CA GLY A 490 -5.65 -21.65 -4.09
C GLY A 490 -5.93 -23.10 -4.45
N VAL A 491 -4.91 -23.94 -4.39
CA VAL A 491 -5.12 -25.38 -4.48
C VAL A 491 -5.61 -25.91 -3.14
N TYR A 492 -6.05 -27.17 -3.13
CA TYR A 492 -6.84 -27.73 -2.03
C TYR A 492 -8.11 -26.92 -1.81
N GLY A 493 -8.75 -26.55 -2.91
CA GLY A 493 -9.96 -25.73 -2.86
C GLY A 493 -9.63 -24.25 -2.92
N SER A 494 -10.61 -23.48 -3.41
CA SER A 494 -10.43 -22.04 -3.59
C SER A 494 -11.13 -21.19 -2.54
N TRP A 495 -12.08 -21.76 -1.78
CA TRP A 495 -12.79 -20.98 -0.78
C TRP A 495 -11.93 -20.75 0.46
N LEU A 496 -10.92 -21.58 0.70
CA LEU A 496 -10.15 -21.48 1.93
C LEU A 496 -9.41 -20.15 2.07
N PRO A 497 -8.78 -19.58 1.04
CA PRO A 497 -8.17 -18.25 1.22
C PRO A 497 -9.14 -17.21 1.74
N LEU A 498 -10.31 -17.09 1.11
CA LEU A 498 -11.30 -16.12 1.58
C LEU A 498 -11.79 -16.46 2.98
N LEU A 499 -11.98 -17.74 3.27
CA LEU A 499 -12.44 -18.14 4.60
C LEU A 499 -11.46 -17.69 5.67
N VAL A 500 -10.18 -17.96 5.48
CA VAL A 500 -9.17 -17.54 6.46
C VAL A 500 -9.09 -16.02 6.52
N TYR A 501 -9.13 -15.37 5.35
CA TYR A 501 -8.98 -13.92 5.26
C TYR A 501 -10.14 -13.20 5.92
N GLY A 502 -11.27 -13.87 6.07
CA GLY A 502 -12.40 -13.30 6.81
C GLY A 502 -12.43 -13.72 8.26
N VAL A 503 -11.96 -14.93 8.58
CA VAL A 503 -11.99 -15.40 9.95
C VAL A 503 -10.99 -14.64 10.81
N VAL A 504 -9.79 -14.37 10.29
CA VAL A 504 -8.75 -13.74 11.11
C VAL A 504 -9.20 -12.38 11.66
N PRO A 505 -9.72 -11.45 10.85
CA PRO A 505 -10.20 -10.19 11.44
C PRO A 505 -11.31 -10.39 12.45
N VAL A 506 -12.19 -11.36 12.23
CA VAL A 506 -13.31 -11.58 13.14
C VAL A 506 -12.80 -12.01 14.52
N LEU A 507 -11.90 -12.99 14.55
CA LEU A 507 -11.35 -13.44 15.81
C LEU A 507 -10.53 -12.35 16.49
N SER A 508 -9.74 -11.61 15.72
CA SER A 508 -8.96 -10.53 16.31
C SER A 508 -9.85 -9.46 16.93
N GLY A 509 -10.91 -9.08 16.23
CA GLY A 509 -11.83 -8.09 16.78
C GLY A 509 -12.57 -8.58 18.00
N LEU A 510 -13.03 -9.83 17.96
CA LEU A 510 -13.75 -10.41 19.09
C LEU A 510 -12.85 -10.63 20.30
N ALA A 511 -11.54 -10.72 20.09
CA ALA A 511 -10.60 -10.77 21.21
C ALA A 511 -10.41 -9.43 21.89
N ALA A 512 -10.77 -8.32 21.25
CA ALA A 512 -10.62 -7.01 21.87
C ALA A 512 -11.64 -6.81 22.99
N LEU A 513 -12.74 -7.56 22.98
CA LEU A 513 -13.71 -7.48 24.07
C LEU A 513 -13.17 -8.07 25.36
N LEU A 514 -12.04 -8.77 25.31
CA LEU A 514 -11.43 -9.39 26.48
C LEU A 514 -10.34 -8.52 27.09
N LEU A 515 -10.50 -7.20 27.02
CA LEU A 515 -9.50 -6.29 27.58
C LEU A 515 -9.24 -6.54 29.06
N PRO A 516 -10.26 -6.68 29.93
CA PRO A 516 -9.90 -6.99 31.32
C PRO A 516 -9.45 -8.44 31.51
C4 A1AIL B . -2.90 1.85 4.40
C5 A1AIL B . -2.08 1.53 5.49
C6 A1AIL B . -0.69 0.97 5.33
C7 A1AIL B . -0.12 0.74 4.06
C8 A1AIL B . -0.98 1.05 2.78
C1 A1AIL B . -5.31 3.44 3.84
C2 A1AIL B . -5.81 2.05 4.08
C3 A1AIL B . -4.40 2.45 4.64
C9 A1AIL B . -0.50 0.83 1.36
C10 A1AIL B . -1.24 1.12 0.21
C11 A1AIL B . -2.58 1.66 0.38
C12 A1AIL B . -3.08 1.87 1.67
C13 A1AIL B . -2.31 1.59 2.95
C15 A1AIL B . 2.03 -0.70 4.89
C18 A1AIL B . 2.18 0.07 2.83
C21 A1AIL B . 2.17 0.36 7.66
C22 A1AIL B . 2.81 1.57 6.82
N14 A1AIL B . 1.28 0.12 3.95
N16 A1AIL B . 3.23 -1.09 4.36
N17 A1AIL B . 3.30 -0.63 3.08
O23 A1AIL B . 2.05 2.53 6.53
O24 A1AIL B . 4.01 1.48 6.49
S20 A1AIL B . 1.55 -1.05 6.57
BR19 A1AIL B . 1.87 0.88 1.12
#